data_3HMM
#
_entry.id   3HMM
#
_cell.length_a   42.009
_cell.length_b   75.343
_cell.length_c   89.678
_cell.angle_alpha   90.000
_cell.angle_beta   90.000
_cell.angle_gamma   90.000
#
_symmetry.space_group_name_H-M   'P 21 21 21'
#
loop_
_entity.id
_entity.type
_entity.pdbx_description
1 polymer 'TGF-beta receptor type-1'
2 non-polymer 2-(6-methylpyridin-2-yl)-N-pyridin-4-ylquinazolin-4-amine
3 water water
#
_entity_poly.entity_id   1
_entity_poly.type   'polypeptide(L)'
_entity_poly.pdbx_seq_one_letter_code
;IARTIVLQESIGKGRFGEVWRGKWRGEEVAVKIFSSREERSWFREAEIYQTVMLRHENILGFIAADNKDNGTWTQLWLVS
DYHEHGSLFDYLNRYTVTVEGMIKLALSTASGLAHLHMEIVGTQGKPAIAHRDLKSKNILVKKNGTCCIADLGLAVRHDS
ATDTIDIAPNHRVGTKRYMAPEVLDDSINMKHFESFKRADIYAMGLVFWEIARRCSIGGIHEDYQLPYYDLVPSDPSVEE
MRKVVCEQKLRPNIPNRWQSCEALRVMAKIMRECWYANGAARLTALRIKKTLSQLSQQEGIKM
;
_entity_poly.pdbx_strand_id   A
#
# COMPACT_ATOMS: atom_id res chain seq x y z
N ILE A 1 4.82 -9.79 -24.22
CA ILE A 1 6.16 -9.87 -23.56
C ILE A 1 7.02 -8.65 -23.83
N ALA A 2 8.09 -8.53 -23.05
CA ALA A 2 9.01 -7.39 -23.15
C ALA A 2 9.54 -7.16 -24.55
N ARG A 3 9.66 -8.24 -25.32
CA ARG A 3 10.17 -8.19 -26.68
C ARG A 3 9.39 -7.26 -27.61
N THR A 4 8.09 -7.10 -27.36
CA THR A 4 7.27 -6.26 -28.22
C THR A 4 6.66 -5.04 -27.50
N ILE A 5 7.18 -4.71 -26.33
CA ILE A 5 6.67 -3.56 -25.61
C ILE A 5 7.53 -2.35 -25.93
N VAL A 6 6.88 -1.22 -26.17
CA VAL A 6 7.60 0.02 -26.48
C VAL A 6 7.36 1.02 -25.37
N LEU A 7 8.44 1.47 -24.74
CA LEU A 7 8.35 2.44 -23.66
C LEU A 7 8.02 3.79 -24.25
N GLN A 8 7.10 4.51 -23.61
CA GLN A 8 6.69 5.81 -24.13
C GLN A 8 6.97 7.00 -23.22
N GLU A 9 6.84 6.77 -21.91
CA GLU A 9 7.00 7.85 -20.95
C GLU A 9 7.43 7.37 -19.57
N SER A 10 8.34 8.11 -18.94
CA SER A 10 8.79 7.78 -17.60
C SER A 10 7.69 8.26 -16.66
N ILE A 11 7.19 7.37 -15.81
CA ILE A 11 6.11 7.77 -14.90
C ILE A 11 6.39 7.58 -13.41
N GLY A 12 7.64 7.33 -13.06
CA GLY A 12 7.97 7.16 -11.65
C GLY A 12 9.15 6.26 -11.35
N LYS A 13 9.54 6.26 -10.08
CA LYS A 13 10.66 5.45 -9.61
C LYS A 13 10.23 4.58 -8.43
N GLY A 14 10.63 3.31 -8.45
CA GLY A 14 10.28 2.43 -7.36
C GLY A 14 11.41 2.42 -6.36
N ARG A 15 11.31 1.62 -5.30
CA ARG A 15 12.38 1.56 -4.31
C ARG A 15 13.65 1.30 -5.11
N PHE A 16 13.51 0.44 -6.11
CA PHE A 16 14.59 0.11 -7.04
C PHE A 16 13.94 0.04 -8.41
N GLY A 17 14.64 0.51 -9.45
CA GLY A 17 14.08 0.45 -10.77
C GLY A 17 13.21 1.64 -11.15
N GLU A 18 13.00 1.83 -12.45
CA GLU A 18 12.20 2.93 -12.94
C GLU A 18 10.90 2.42 -13.56
N VAL A 19 9.82 3.15 -13.34
CA VAL A 19 8.52 2.77 -13.87
C VAL A 19 8.20 3.57 -15.13
N TRP A 20 7.74 2.86 -16.14
CA TRP A 20 7.41 3.45 -17.43
C TRP A 20 6.00 3.14 -17.90
N ARG A 21 5.50 3.99 -18.79
CA ARG A 21 4.19 3.76 -19.40
C ARG A 21 4.58 3.23 -20.77
N GLY A 22 4.33 1.95 -21.01
CA GLY A 22 4.67 1.36 -22.29
C GLY A 22 3.45 0.94 -23.08
N LYS A 23 3.66 0.50 -24.31
CA LYS A 23 2.55 0.05 -25.15
C LYS A 23 2.82 -1.37 -25.58
N TRP A 24 1.85 -2.25 -25.33
CA TRP A 24 1.96 -3.65 -25.71
C TRP A 24 0.86 -3.91 -26.73
N ARG A 25 1.24 -3.92 -28.00
CA ARG A 25 0.30 -4.16 -29.08
C ARG A 25 -0.75 -3.03 -29.12
N GLY A 26 -0.30 -1.82 -28.84
CA GLY A 26 -1.19 -0.67 -28.84
C GLY A 26 -1.80 -0.37 -27.48
N GLU A 27 -1.88 -1.38 -26.63
CA GLU A 27 -2.46 -1.24 -25.29
C GLU A 27 -1.44 -0.69 -24.30
N GLU A 28 -1.89 0.21 -23.42
CA GLU A 28 -0.98 0.78 -22.43
C GLU A 28 -0.76 -0.21 -21.30
N VAL A 29 0.50 -0.34 -20.87
CA VAL A 29 0.83 -1.21 -19.76
C VAL A 29 1.91 -0.49 -18.94
N ALA A 30 2.12 -0.96 -17.72
CA ALA A 30 3.14 -0.36 -16.87
C ALA A 30 4.34 -1.30 -16.87
N VAL A 31 5.53 -0.71 -16.89
CA VAL A 31 6.76 -1.49 -16.91
C VAL A 31 7.73 -0.96 -15.86
N LYS A 32 8.24 -1.85 -15.01
CA LYS A 32 9.22 -1.45 -14.02
C LYS A 32 10.52 -2.14 -14.47
N ILE A 33 11.55 -1.34 -14.69
CA ILE A 33 12.84 -1.86 -15.18
C ILE A 33 13.95 -1.79 -14.13
N PHE A 34 14.61 -2.92 -13.90
CA PHE A 34 15.71 -3.06 -12.95
C PHE A 34 17.02 -3.32 -13.69
N SER A 35 18.14 -3.03 -13.02
CA SER A 35 19.44 -3.27 -13.61
C SER A 35 19.93 -4.65 -13.17
N SER A 36 20.99 -5.13 -13.82
CA SER A 36 21.52 -6.44 -13.50
C SER A 36 21.91 -6.59 -12.03
N ARG A 37 22.34 -5.50 -11.40
CA ARG A 37 22.75 -5.59 -10.01
C ARG A 37 21.60 -5.52 -9.02
N GLU A 38 20.38 -5.37 -9.55
CA GLU A 38 19.18 -5.32 -8.73
C GLU A 38 18.34 -6.57 -8.97
N GLU A 39 18.98 -7.63 -9.44
CA GLU A 39 18.27 -8.87 -9.73
C GLU A 39 17.52 -9.48 -8.54
N ARG A 40 18.10 -9.42 -7.35
CA ARG A 40 17.42 -10.00 -6.20
C ARG A 40 16.10 -9.28 -5.92
N SER A 41 16.09 -7.96 -6.06
CA SER A 41 14.85 -7.19 -5.81
C SER A 41 13.83 -7.50 -6.88
N TRP A 42 14.30 -7.57 -8.12
CA TRP A 42 13.45 -7.88 -9.25
C TRP A 42 12.87 -9.28 -9.06
N PHE A 43 13.74 -10.25 -8.78
CA PHE A 43 13.30 -11.63 -8.60
C PHE A 43 12.31 -11.80 -7.44
N ARG A 44 12.61 -11.17 -6.31
CA ARG A 44 11.73 -11.31 -5.15
C ARG A 44 10.35 -10.76 -5.44
N GLU A 45 10.28 -9.61 -6.11
CA GLU A 45 8.98 -9.03 -6.44
C GLU A 45 8.25 -9.93 -7.46
N ALA A 46 8.96 -10.44 -8.45
CA ALA A 46 8.31 -11.33 -9.43
C ALA A 46 7.78 -12.55 -8.68
N GLU A 47 8.55 -13.02 -7.70
CA GLU A 47 8.16 -14.18 -6.91
C GLU A 47 6.84 -13.93 -6.16
N ILE A 48 6.74 -12.79 -5.49
CA ILE A 48 5.54 -12.45 -4.73
C ILE A 48 4.34 -12.33 -5.67
N TYR A 49 4.49 -11.65 -6.80
CA TYR A 49 3.35 -11.51 -7.70
C TYR A 49 2.91 -12.83 -8.33
N GLN A 50 3.81 -13.80 -8.42
CA GLN A 50 3.43 -15.09 -8.98
C GLN A 50 2.88 -16.08 -7.96
N THR A 51 2.63 -15.61 -6.74
CA THR A 51 2.04 -16.45 -5.69
C THR A 51 0.69 -16.97 -6.18
N VAL A 52 0.41 -18.24 -5.94
CA VAL A 52 -0.85 -18.86 -6.34
C VAL A 52 -2.05 -18.12 -5.74
N MET A 53 -3.09 -17.95 -6.55
CA MET A 53 -4.31 -17.29 -6.12
C MET A 53 -4.14 -15.87 -5.60
N LEU A 54 -3.09 -15.19 -6.05
CA LEU A 54 -2.86 -13.82 -5.60
C LEU A 54 -3.78 -12.80 -6.28
N ARG A 55 -4.09 -13.00 -7.55
CA ARG A 55 -4.93 -12.01 -8.26
C ARG A 55 -6.20 -11.59 -7.54
N HIS A 56 -6.41 -10.28 -7.51
CA HIS A 56 -7.58 -9.70 -6.85
C HIS A 56 -7.77 -8.29 -7.41
N GLU A 57 -9.01 -7.82 -7.49
CA GLU A 57 -9.26 -6.51 -8.06
C GLU A 57 -8.56 -5.37 -7.33
N ASN A 58 -8.17 -5.63 -6.08
CA ASN A 58 -7.52 -4.61 -5.28
C ASN A 58 -6.00 -4.81 -5.12
N ILE A 59 -5.43 -5.61 -6.02
CA ILE A 59 -3.99 -5.85 -6.04
C ILE A 59 -3.57 -5.56 -7.49
N LEU A 60 -2.48 -4.80 -7.68
CA LEU A 60 -2.03 -4.48 -9.03
C LEU A 60 -1.96 -5.75 -9.87
N GLY A 61 -2.58 -5.71 -11.05
CA GLY A 61 -2.59 -6.86 -11.93
C GLY A 61 -1.26 -7.12 -12.61
N PHE A 62 -0.62 -8.23 -12.21
CA PHE A 62 0.68 -8.62 -12.76
C PHE A 62 0.54 -9.31 -14.12
N ILE A 63 1.40 -8.92 -15.06
CA ILE A 63 1.38 -9.52 -16.39
C ILE A 63 2.54 -10.50 -16.55
N ALA A 64 3.76 -10.06 -16.26
CA ALA A 64 4.90 -10.98 -16.40
C ALA A 64 6.24 -10.38 -16.01
N ALA A 65 7.21 -11.27 -15.84
CA ALA A 65 8.58 -10.88 -15.52
C ALA A 65 9.32 -11.36 -16.76
N ASP A 66 10.33 -10.62 -17.18
CA ASP A 66 11.07 -11.01 -18.38
C ASP A 66 12.43 -10.32 -18.38
N ASN A 67 13.26 -10.71 -19.34
CA ASN A 67 14.59 -10.14 -19.52
C ASN A 67 14.56 -9.51 -20.90
N LYS A 68 15.32 -8.43 -21.09
CA LYS A 68 15.42 -7.77 -22.38
C LYS A 68 16.85 -7.28 -22.60
N ASP A 69 17.54 -7.87 -23.57
CA ASP A 69 18.91 -7.51 -23.88
C ASP A 69 18.88 -6.48 -25.02
N ASN A 70 19.41 -5.29 -24.76
CA ASN A 70 19.39 -4.25 -25.80
C ASN A 70 20.62 -4.29 -26.69
N GLY A 71 21.51 -5.25 -26.43
CA GLY A 71 22.72 -5.38 -27.22
C GLY A 71 23.95 -4.98 -26.43
N THR A 72 23.76 -4.26 -25.33
CA THR A 72 24.88 -3.83 -24.51
C THR A 72 24.75 -4.33 -23.08
N TRP A 73 23.55 -4.17 -22.52
CA TRP A 73 23.30 -4.63 -21.16
C TRP A 73 21.91 -5.27 -21.10
N THR A 74 21.65 -5.98 -20.00
CA THR A 74 20.38 -6.65 -19.80
C THR A 74 19.49 -5.87 -18.85
N GLN A 75 18.23 -5.73 -19.23
CA GLN A 75 17.26 -5.06 -18.38
C GLN A 75 16.37 -6.15 -17.82
N LEU A 76 15.99 -6.02 -16.55
CA LEU A 76 15.12 -6.99 -15.90
C LEU A 76 13.77 -6.28 -15.79
N TRP A 77 12.76 -6.83 -16.46
CA TRP A 77 11.42 -6.25 -16.53
C TRP A 77 10.29 -6.89 -15.73
N LEU A 78 9.39 -6.07 -15.21
CA LEU A 78 8.16 -6.54 -14.57
C LEU A 78 7.13 -5.71 -15.33
N VAL A 79 6.04 -6.34 -15.76
CA VAL A 79 4.99 -5.67 -16.52
C VAL A 79 3.66 -5.89 -15.80
N SER A 80 2.84 -4.84 -15.77
CA SER A 80 1.55 -4.91 -15.11
C SER A 80 0.52 -4.06 -15.83
N ASP A 81 -0.70 -4.05 -15.29
CA ASP A 81 -1.78 -3.22 -15.82
C ASP A 81 -1.31 -1.79 -15.62
N TYR A 82 -1.85 -0.88 -16.43
CA TYR A 82 -1.54 0.54 -16.33
C TYR A 82 -2.74 1.31 -15.82
N HIS A 83 -2.54 2.21 -14.86
CA HIS A 83 -3.64 3.02 -14.30
C HIS A 83 -3.27 4.49 -14.45
N GLU A 84 -3.97 5.18 -15.35
CA GLU A 84 -3.71 6.58 -15.64
C GLU A 84 -3.65 7.52 -14.44
N HIS A 85 -4.44 7.24 -13.42
CA HIS A 85 -4.44 8.11 -12.23
C HIS A 85 -3.12 8.04 -11.46
N GLY A 86 -2.42 6.91 -11.57
CA GLY A 86 -1.18 6.76 -10.84
C GLY A 86 -1.47 6.48 -9.39
N SER A 87 -0.53 6.84 -8.51
CA SER A 87 -0.66 6.59 -7.07
C SER A 87 -1.79 7.35 -6.39
N LEU A 88 -2.18 6.85 -5.21
CA LEU A 88 -3.21 7.50 -4.41
C LEU A 88 -2.64 8.86 -3.98
N PHE A 89 -1.33 8.89 -3.74
CA PHE A 89 -0.65 10.12 -3.36
C PHE A 89 -0.92 11.20 -4.41
N ASP A 90 -0.66 10.88 -5.68
CA ASP A 90 -0.89 11.85 -6.75
C ASP A 90 -2.36 12.25 -6.82
N TYR A 91 -3.24 11.26 -6.72
CA TYR A 91 -4.69 11.47 -6.79
C TYR A 91 -5.20 12.44 -5.73
N LEU A 92 -4.82 12.21 -4.48
CA LEU A 92 -5.23 13.04 -3.35
C LEU A 92 -4.64 14.44 -3.40
N ASN A 93 -3.51 14.57 -4.08
CA ASN A 93 -2.88 15.87 -4.22
C ASN A 93 -3.63 16.66 -5.28
N ARG A 94 -4.11 15.97 -6.31
CA ARG A 94 -4.81 16.64 -7.39
C ARG A 94 -6.30 16.87 -7.21
N TYR A 95 -6.97 15.96 -6.51
CA TYR A 95 -8.41 16.08 -6.34
C TYR A 95 -8.89 16.06 -4.89
N THR A 96 -10.17 16.35 -4.73
CA THR A 96 -10.82 16.27 -3.43
C THR A 96 -11.84 15.18 -3.73
N VAL A 97 -12.31 14.47 -2.70
CA VAL A 97 -13.27 13.39 -2.91
C VAL A 97 -14.55 13.63 -2.15
N THR A 98 -15.63 13.02 -2.65
CA THR A 98 -16.93 13.12 -2.00
C THR A 98 -16.95 12.04 -0.92
N VAL A 99 -17.99 12.05 -0.09
CA VAL A 99 -18.11 11.05 0.96
C VAL A 99 -18.09 9.67 0.34
N GLU A 100 -18.89 9.49 -0.71
CA GLU A 100 -18.95 8.22 -1.40
C GLU A 100 -17.58 7.86 -1.99
N GLY A 101 -16.89 8.87 -2.51
CA GLY A 101 -15.58 8.64 -3.09
C GLY A 101 -14.55 8.20 -2.08
N MET A 102 -14.60 8.82 -0.90
CA MET A 102 -13.68 8.48 0.18
C MET A 102 -13.90 7.05 0.63
N ILE A 103 -15.15 6.67 0.81
CA ILE A 103 -15.47 5.31 1.25
C ILE A 103 -14.98 4.28 0.26
N LYS A 104 -15.13 4.57 -1.03
CA LYS A 104 -14.71 3.64 -2.07
C LYS A 104 -13.20 3.44 -2.02
N LEU A 105 -12.45 4.53 -1.86
CA LEU A 105 -10.99 4.46 -1.78
C LEU A 105 -10.54 3.67 -0.56
N ALA A 106 -11.14 3.96 0.58
CA ALA A 106 -10.78 3.30 1.83
C ALA A 106 -11.21 1.83 1.81
N LEU A 107 -12.43 1.57 1.37
CA LEU A 107 -12.96 0.22 1.30
C LEU A 107 -12.14 -0.69 0.37
N SER A 108 -11.82 -0.17 -0.81
CA SER A 108 -11.04 -0.95 -1.79
C SER A 108 -9.64 -1.26 -1.26
N THR A 109 -9.03 -0.28 -0.61
CA THR A 109 -7.70 -0.48 -0.05
C THR A 109 -7.75 -1.54 1.04
N ALA A 110 -8.74 -1.45 1.92
CA ALA A 110 -8.89 -2.42 3.00
C ALA A 110 -9.17 -3.81 2.46
N SER A 111 -9.95 -3.89 1.38
CA SER A 111 -10.26 -5.20 0.79
C SER A 111 -8.99 -5.80 0.21
N GLY A 112 -8.14 -4.96 -0.37
CA GLY A 112 -6.90 -5.47 -0.94
C GLY A 112 -5.96 -5.97 0.14
N LEU A 113 -5.89 -5.25 1.25
CA LEU A 113 -5.01 -5.67 2.33
C LEU A 113 -5.55 -6.91 3.00
N ALA A 114 -6.88 -7.01 3.10
CA ALA A 114 -7.48 -8.18 3.73
C ALA A 114 -7.20 -9.42 2.87
N HIS A 115 -7.17 -9.23 1.56
CA HIS A 115 -6.91 -10.32 0.65
C HIS A 115 -5.45 -10.75 0.83
N LEU A 116 -4.56 -9.78 0.88
CA LEU A 116 -3.14 -10.08 1.08
C LEU A 116 -2.93 -10.85 2.36
N HIS A 117 -3.48 -10.33 3.46
CA HIS A 117 -3.33 -10.94 4.76
C HIS A 117 -4.02 -12.30 4.93
N MET A 118 -5.11 -12.50 4.21
CA MET A 118 -5.87 -13.75 4.30
C MET A 118 -5.23 -14.96 3.67
N GLU A 119 -5.21 -16.08 4.40
CA GLU A 119 -4.66 -17.30 3.85
C GLU A 119 -5.84 -18.04 3.21
N ILE A 120 -5.69 -18.47 1.96
CA ILE A 120 -6.75 -19.21 1.30
C ILE A 120 -6.37 -20.69 1.30
N VAL A 121 -7.06 -21.48 2.12
CA VAL A 121 -6.79 -22.91 2.24
C VAL A 121 -7.39 -23.70 1.06
N GLY A 122 -6.62 -24.67 0.55
CA GLY A 122 -7.09 -25.48 -0.56
C GLY A 122 -5.90 -26.05 -1.34
N THR A 123 -6.18 -26.90 -2.33
CA THR A 123 -5.11 -27.50 -3.14
C THR A 123 -4.30 -26.40 -3.83
N GLN A 124 -4.99 -25.34 -4.26
CA GLN A 124 -4.35 -24.19 -4.89
C GLN A 124 -4.51 -23.10 -3.82
N GLY A 125 -3.81 -23.28 -2.70
CA GLY A 125 -3.92 -22.33 -1.62
C GLY A 125 -3.02 -21.12 -1.70
N LYS A 126 -3.51 -20.00 -1.19
CA LYS A 126 -2.76 -18.76 -1.17
C LYS A 126 -2.27 -18.52 0.26
N PRO A 127 -0.96 -18.31 0.44
CA PRO A 127 -0.43 -18.08 1.78
C PRO A 127 -0.73 -16.65 2.23
N ALA A 128 -0.80 -16.44 3.54
CA ALA A 128 -1.04 -15.10 4.06
C ALA A 128 0.21 -14.31 3.70
N ILE A 129 0.03 -13.04 3.34
CA ILE A 129 1.14 -12.19 2.95
C ILE A 129 1.04 -10.83 3.64
N ALA A 130 2.18 -10.30 4.11
CA ALA A 130 2.22 -8.99 4.75
C ALA A 130 3.03 -8.10 3.79
N HIS A 131 2.60 -6.86 3.61
CA HIS A 131 3.25 -5.92 2.68
C HIS A 131 4.58 -5.35 3.15
N ARG A 132 4.58 -4.82 4.36
CA ARG A 132 5.76 -4.22 5.00
C ARG A 132 6.17 -2.83 4.51
N ASP A 133 5.46 -2.28 3.54
CA ASP A 133 5.80 -0.94 3.06
C ASP A 133 4.57 -0.23 2.45
N LEU A 134 3.43 -0.38 3.11
CA LEU A 134 2.19 0.22 2.63
C LEU A 134 2.21 1.74 2.83
N LYS A 135 1.80 2.47 1.79
CA LYS A 135 1.75 3.92 1.84
C LYS A 135 0.93 4.47 0.68
N SER A 136 0.59 5.76 0.72
CA SER A 136 -0.21 6.32 -0.35
C SER A 136 0.51 6.33 -1.71
N LYS A 137 1.84 6.34 -1.68
CA LYS A 137 2.61 6.35 -2.92
C LYS A 137 2.66 5.02 -3.67
N ASN A 138 2.33 3.92 -3.00
CA ASN A 138 2.33 2.64 -3.70
C ASN A 138 0.97 1.95 -3.75
N ILE A 139 -0.07 2.75 -3.59
CA ILE A 139 -1.43 2.28 -3.71
C ILE A 139 -1.83 3.05 -4.97
N LEU A 140 -2.50 2.40 -5.91
CA LEU A 140 -2.90 3.04 -7.16
C LEU A 140 -4.40 3.19 -7.28
N VAL A 141 -4.85 4.25 -7.97
CA VAL A 141 -6.29 4.49 -8.15
C VAL A 141 -6.71 4.12 -9.58
N LYS A 142 -7.70 3.23 -9.68
CA LYS A 142 -8.21 2.79 -10.98
C LYS A 142 -9.22 3.77 -11.54
N LYS A 143 -9.51 3.64 -12.83
CA LYS A 143 -10.46 4.53 -13.48
C LYS A 143 -11.83 4.51 -12.79
N ASN A 144 -12.20 3.37 -12.20
CA ASN A 144 -13.51 3.27 -11.54
C ASN A 144 -13.54 3.83 -10.12
N GLY A 145 -12.46 4.47 -9.70
CA GLY A 145 -12.43 5.06 -8.37
C GLY A 145 -12.05 4.16 -7.20
N THR A 146 -11.62 2.93 -7.49
CA THR A 146 -11.22 2.00 -6.45
C THR A 146 -9.69 1.91 -6.48
N CYS A 147 -9.08 1.39 -5.42
CA CYS A 147 -7.63 1.27 -5.32
C CYS A 147 -7.12 -0.15 -5.51
N CYS A 148 -5.85 -0.27 -5.87
CA CYS A 148 -5.23 -1.58 -5.93
C CYS A 148 -3.83 -1.34 -5.35
N ILE A 149 -3.35 -2.31 -4.57
CA ILE A 149 -2.05 -2.23 -3.90
C ILE A 149 -0.91 -2.72 -4.80
N ALA A 150 0.19 -1.99 -4.81
CA ALA A 150 1.34 -2.37 -5.63
C ALA A 150 2.59 -2.42 -4.77
N ASP A 151 3.74 -2.52 -5.43
CA ASP A 151 5.04 -2.55 -4.75
C ASP A 151 5.08 -3.63 -3.67
N LEU A 152 5.01 -4.88 -4.11
CA LEU A 152 5.02 -6.02 -3.20
C LEU A 152 6.42 -6.61 -3.00
N GLY A 153 7.43 -5.87 -3.44
CA GLY A 153 8.80 -6.36 -3.34
C GLY A 153 9.35 -6.64 -1.95
N LEU A 154 8.77 -6.02 -0.92
CA LEU A 154 9.26 -6.25 0.44
C LEU A 154 8.33 -7.16 1.22
N ALA A 155 7.33 -7.72 0.55
CA ALA A 155 6.37 -8.58 1.22
C ALA A 155 6.95 -9.87 1.80
N VAL A 156 6.27 -10.42 2.80
CA VAL A 156 6.69 -11.68 3.39
C VAL A 156 5.49 -12.62 3.37
N ARG A 157 5.77 -13.90 3.09
CA ARG A 157 4.73 -14.92 3.02
C ARG A 157 4.79 -15.88 4.20
N HIS A 158 3.62 -16.20 4.72
CA HIS A 158 3.50 -17.07 5.89
C HIS A 158 3.16 -18.53 5.57
N ASP A 159 3.77 -19.44 6.33
CA ASP A 159 3.48 -20.85 6.17
C ASP A 159 2.73 -21.26 7.45
N SER A 160 1.41 -21.27 7.38
CA SER A 160 0.57 -21.60 8.53
C SER A 160 0.92 -22.93 9.23
N ALA A 161 1.32 -23.93 8.45
CA ALA A 161 1.65 -25.23 9.01
C ALA A 161 2.76 -25.18 10.05
N THR A 162 3.78 -24.38 9.81
CA THR A 162 4.90 -24.28 10.76
C THR A 162 5.01 -22.91 11.41
N ASP A 163 4.16 -21.99 10.98
CA ASP A 163 4.16 -20.62 11.49
C ASP A 163 5.52 -19.96 11.30
N THR A 164 6.04 -20.07 10.08
CA THR A 164 7.33 -19.49 9.72
C THR A 164 7.17 -18.63 8.46
N ILE A 165 8.14 -17.77 8.20
CA ILE A 165 8.08 -16.90 7.04
C ILE A 165 9.10 -17.33 6.00
N ASP A 166 8.78 -17.13 4.72
CA ASP A 166 9.66 -17.56 3.65
C ASP A 166 11.01 -16.88 3.51
N ILE A 167 11.22 -15.77 4.23
CA ILE A 167 12.50 -15.07 4.15
C ILE A 167 12.94 -14.57 5.52
N ALA A 168 14.05 -13.82 5.52
CA ALA A 168 14.61 -13.23 6.74
C ALA A 168 13.58 -12.39 7.48
N GLY A 174 11.23 -0.64 5.29
CA GLY A 174 10.21 0.12 4.59
C GLY A 174 10.39 1.64 4.64
N THR A 175 9.30 2.35 4.37
CA THR A 175 9.31 3.81 4.37
C THR A 175 9.22 4.29 5.83
N LYS A 176 10.23 5.03 6.26
CA LYS A 176 10.28 5.51 7.65
C LYS A 176 9.02 6.16 8.19
N ARG A 177 8.43 7.07 7.43
CA ARG A 177 7.24 7.78 7.88
C ARG A 177 6.08 6.88 8.28
N TYR A 178 5.92 5.77 7.56
CA TYR A 178 4.84 4.82 7.80
C TYR A 178 5.20 3.64 8.69
N MET A 179 6.44 3.60 9.16
CA MET A 179 6.85 2.49 10.00
C MET A 179 6.04 2.44 11.28
N ALA A 180 5.61 1.24 11.67
CA ALA A 180 4.83 1.11 12.90
C ALA A 180 5.71 1.38 14.12
N PRO A 181 5.09 1.74 15.25
CA PRO A 181 5.82 2.03 16.49
C PRO A 181 6.83 0.93 16.86
N GLU A 182 6.36 -0.31 16.86
CA GLU A 182 7.19 -1.46 17.20
C GLU A 182 8.34 -1.65 16.21
N VAL A 183 8.18 -1.13 15.00
CA VAL A 183 9.24 -1.25 13.99
C VAL A 183 10.28 -0.17 14.25
N LEU A 184 9.81 1.04 14.57
CA LEU A 184 10.68 2.16 14.86
C LEU A 184 11.59 1.92 16.06
N ASP A 185 11.06 1.28 17.11
CA ASP A 185 11.89 1.02 18.29
C ASP A 185 12.50 -0.38 18.32
N ASP A 186 12.37 -1.09 17.21
CA ASP A 186 12.90 -2.45 17.07
C ASP A 186 12.40 -3.45 18.11
N SER A 187 11.22 -3.20 18.68
CA SER A 187 10.66 -4.10 19.68
C SER A 187 9.82 -5.21 19.03
N ILE A 188 9.52 -5.04 17.75
CA ILE A 188 8.71 -6.01 17.03
C ILE A 188 9.39 -7.38 16.91
N ASN A 189 8.59 -8.44 17.09
CA ASN A 189 9.10 -9.80 16.98
C ASN A 189 8.94 -10.24 15.54
N MET A 190 10.02 -10.18 14.79
CA MET A 190 9.98 -10.53 13.38
C MET A 190 9.83 -12.01 13.07
N LYS A 191 9.82 -12.84 14.10
CA LYS A 191 9.65 -14.26 13.89
C LYS A 191 8.15 -14.56 13.96
N HIS A 192 7.38 -13.55 14.36
CA HIS A 192 5.93 -13.68 14.48
C HIS A 192 5.26 -13.00 13.28
N PHE A 193 4.76 -13.79 12.34
CA PHE A 193 4.11 -13.25 11.15
C PHE A 193 2.98 -12.26 11.46
N GLU A 194 2.18 -12.58 12.47
CA GLU A 194 1.07 -11.73 12.86
C GLU A 194 1.52 -10.30 13.15
N SER A 195 2.74 -10.12 13.62
CA SER A 195 3.25 -8.78 13.90
C SER A 195 3.38 -7.96 12.64
N PHE A 196 3.72 -8.61 11.53
CA PHE A 196 3.85 -7.90 10.27
C PHE A 196 2.47 -7.46 9.79
N LYS A 197 1.46 -8.29 9.97
CA LYS A 197 0.12 -7.94 9.57
C LYS A 197 -0.33 -6.70 10.34
N ARG A 198 -0.12 -6.73 11.66
CA ARG A 198 -0.51 -5.60 12.51
C ARG A 198 0.21 -4.31 12.11
N ALA A 199 1.48 -4.42 11.75
CA ALA A 199 2.24 -3.24 11.34
C ALA A 199 1.64 -2.65 10.05
N ASP A 200 1.11 -3.51 9.17
CA ASP A 200 0.50 -3.03 7.93
C ASP A 200 -0.74 -2.21 8.26
N ILE A 201 -1.50 -2.66 9.28
CA ILE A 201 -2.73 -1.98 9.68
C ILE A 201 -2.44 -0.54 10.11
N TYR A 202 -1.36 -0.38 10.85
CA TYR A 202 -0.96 0.95 11.32
C TYR A 202 -0.72 1.85 10.12
N ALA A 203 0.00 1.34 9.12
CA ALA A 203 0.26 2.14 7.94
C ALA A 203 -1.04 2.46 7.19
N MET A 204 -1.94 1.49 7.07
CA MET A 204 -3.19 1.76 6.38
C MET A 204 -3.96 2.84 7.13
N GLY A 205 -3.80 2.87 8.45
CA GLY A 205 -4.46 3.89 9.24
C GLY A 205 -4.01 5.26 8.80
N LEU A 206 -2.70 5.41 8.58
CA LEU A 206 -2.14 6.68 8.14
C LEU A 206 -2.70 7.06 6.77
N VAL A 207 -2.78 6.06 5.89
CA VAL A 207 -3.31 6.29 4.56
C VAL A 207 -4.75 6.78 4.64
N PHE A 208 -5.55 6.15 5.50
CA PHE A 208 -6.94 6.56 5.67
C PHE A 208 -7.03 8.03 6.07
N TRP A 209 -6.09 8.46 6.91
CA TRP A 209 -6.02 9.85 7.36
C TRP A 209 -5.77 10.77 6.16
N GLU A 210 -4.91 10.34 5.25
CA GLU A 210 -4.61 11.16 4.07
C GLU A 210 -5.87 11.33 3.21
N ILE A 211 -6.64 10.26 3.08
CA ILE A 211 -7.87 10.29 2.29
C ILE A 211 -8.93 11.19 2.88
N ALA A 212 -9.22 10.97 4.16
CA ALA A 212 -10.24 11.73 4.88
C ALA A 212 -10.05 13.24 4.77
N ARG A 213 -8.79 13.69 4.81
CA ARG A 213 -8.51 15.11 4.71
C ARG A 213 -9.05 15.69 3.41
N ARG A 214 -9.05 14.88 2.36
CA ARG A 214 -9.51 15.32 1.05
C ARG A 214 -11.01 15.17 0.82
N CYS A 215 -11.73 14.68 1.82
CA CYS A 215 -13.18 14.52 1.67
C CYS A 215 -13.83 15.89 1.78
N SER A 216 -14.26 16.42 0.65
CA SER A 216 -14.86 17.74 0.62
C SER A 216 -16.39 17.73 0.75
N ILE A 217 -16.87 18.43 1.77
CA ILE A 217 -18.30 18.54 2.04
C ILE A 217 -18.65 20.02 2.07
N GLY A 218 -19.43 20.48 1.10
CA GLY A 218 -19.80 21.87 1.06
C GLY A 218 -18.60 22.74 0.72
N GLY A 219 -17.71 22.22 -0.11
CA GLY A 219 -16.53 22.96 -0.52
C GLY A 219 -15.50 23.10 0.57
N ILE A 220 -15.73 22.42 1.69
CA ILE A 220 -14.81 22.47 2.82
C ILE A 220 -13.99 21.20 2.94
N HIS A 221 -12.68 21.35 3.11
CA HIS A 221 -11.76 20.22 3.24
C HIS A 221 -10.37 20.71 3.64
N GLU A 222 -9.51 19.79 4.05
CA GLU A 222 -8.14 20.15 4.43
C GLU A 222 -7.22 20.00 3.22
N ASP A 223 -6.09 20.67 3.23
CA ASP A 223 -5.15 20.56 2.12
C ASP A 223 -4.48 19.20 2.26
N TYR A 224 -3.95 18.68 1.16
CA TYR A 224 -3.29 17.39 1.22
C TYR A 224 -2.03 17.51 2.06
N GLN A 225 -1.78 16.48 2.87
CA GLN A 225 -0.59 16.42 3.69
C GLN A 225 -0.24 14.95 3.98
N LEU A 226 1.05 14.69 4.15
CA LEU A 226 1.54 13.37 4.48
C LEU A 226 1.39 13.25 5.99
N PRO A 227 1.22 12.03 6.51
CA PRO A 227 1.08 11.90 7.96
C PRO A 227 2.33 12.41 8.67
N TYR A 228 2.12 13.18 9.75
CA TYR A 228 3.21 13.75 10.55
C TYR A 228 3.93 14.88 9.81
N TYR A 229 3.24 15.49 8.85
CA TYR A 229 3.80 16.57 8.04
C TYR A 229 4.37 17.75 8.82
N ASP A 230 3.82 17.99 10.01
CA ASP A 230 4.29 19.11 10.83
C ASP A 230 5.02 18.67 12.09
N LEU A 231 5.52 17.45 12.11
CA LEU A 231 6.23 16.93 13.26
C LEU A 231 7.61 16.38 12.91
N VAL A 232 7.81 16.06 11.63
CA VAL A 232 9.09 15.52 11.16
C VAL A 232 9.48 16.08 9.80
N PRO A 233 10.79 16.01 9.46
CA PRO A 233 11.29 16.51 8.17
C PRO A 233 10.64 15.74 7.02
N SER A 234 10.84 16.22 5.79
CA SER A 234 10.27 15.59 4.61
C SER A 234 10.75 14.16 4.34
N ASP A 235 12.03 13.90 4.60
CA ASP A 235 12.61 12.58 4.41
C ASP A 235 13.17 12.19 5.76
N PRO A 236 12.28 11.94 6.73
CA PRO A 236 12.59 11.57 8.12
C PRO A 236 13.40 10.30 8.34
N SER A 237 14.22 10.30 9.38
CA SER A 237 15.03 9.15 9.72
C SER A 237 14.27 8.32 10.74
N VAL A 238 14.77 7.13 11.03
CA VAL A 238 14.13 6.26 11.98
C VAL A 238 14.08 6.96 13.35
N GLU A 239 15.18 7.57 13.73
CA GLU A 239 15.24 8.25 15.03
C GLU A 239 14.24 9.41 15.13
N GLU A 240 14.15 10.23 14.10
CA GLU A 240 13.21 11.35 14.11
C GLU A 240 11.78 10.86 14.24
N MET A 241 11.47 9.77 13.54
CA MET A 241 10.13 9.21 13.62
C MET A 241 9.88 8.60 14.99
N ARG A 242 10.85 7.84 15.48
CA ARG A 242 10.75 7.17 16.78
C ARG A 242 10.49 8.14 17.93
N LYS A 243 11.16 9.28 17.93
CA LYS A 243 10.97 10.26 19.00
C LYS A 243 9.55 10.80 19.04
N VAL A 244 8.94 10.96 17.87
CA VAL A 244 7.57 11.49 17.77
C VAL A 244 6.50 10.40 18.02
N VAL A 245 6.63 9.29 17.31
CA VAL A 245 5.67 8.19 17.43
C VAL A 245 5.79 7.36 18.69
N CYS A 246 7.02 7.01 19.08
CA CYS A 246 7.25 6.18 20.26
C CYS A 246 7.39 6.90 21.59
N GLU A 247 8.19 7.98 21.60
CA GLU A 247 8.41 8.72 22.83
C GLU A 247 7.33 9.73 23.17
N GLN A 248 7.05 10.64 22.24
CA GLN A 248 6.04 11.64 22.49
C GLN A 248 4.65 11.02 22.32
N LYS A 249 4.62 9.89 21.63
CA LYS A 249 3.38 9.14 21.38
C LYS A 249 2.31 9.92 20.63
N LEU A 250 2.73 10.69 19.63
CA LEU A 250 1.78 11.46 18.84
C LEU A 250 1.33 10.69 17.61
N ARG A 251 0.15 11.04 17.11
CA ARG A 251 -0.42 10.44 15.93
C ARG A 251 -1.00 11.59 15.10
N PRO A 252 -1.35 11.32 13.82
CA PRO A 252 -1.91 12.39 13.00
C PRO A 252 -3.10 13.04 13.70
N ASN A 253 -3.18 14.36 13.58
CA ASN A 253 -4.25 15.13 14.21
C ASN A 253 -5.60 14.92 13.53
N ILE A 254 -6.64 14.78 14.34
CA ILE A 254 -7.99 14.57 13.83
C ILE A 254 -8.78 15.87 13.81
N PRO A 255 -9.01 16.46 12.63
CA PRO A 255 -9.76 17.72 12.52
C PRO A 255 -11.13 17.60 13.18
N ASN A 256 -11.55 18.67 13.83
CA ASN A 256 -12.84 18.69 14.50
C ASN A 256 -13.96 18.60 13.46
N ARG A 257 -13.64 19.01 12.23
CA ARG A 257 -14.59 18.97 11.12
C ARG A 257 -15.11 17.56 10.87
N TRP A 258 -14.26 16.56 11.15
CA TRP A 258 -14.64 15.18 10.91
C TRP A 258 -15.75 14.66 11.83
N GLN A 259 -16.11 15.44 12.84
CA GLN A 259 -17.15 15.05 13.77
C GLN A 259 -18.53 15.43 13.25
N SER A 260 -18.55 16.20 12.16
CA SER A 260 -19.81 16.65 11.57
C SER A 260 -20.44 15.65 10.62
N CYS A 261 -19.65 14.71 10.12
CA CYS A 261 -20.16 13.71 9.18
C CYS A 261 -20.04 12.29 9.71
N GLU A 262 -21.11 11.52 9.57
CA GLU A 262 -21.13 10.13 10.03
C GLU A 262 -19.98 9.34 9.41
N ALA A 263 -19.78 9.52 8.10
CA ALA A 263 -18.72 8.82 7.39
C ALA A 263 -17.35 9.16 7.97
N LEU A 264 -17.08 10.45 8.15
CA LEU A 264 -15.81 10.86 8.70
C LEU A 264 -15.64 10.37 10.13
N ARG A 265 -16.74 10.31 10.88
CA ARG A 265 -16.68 9.83 12.26
C ARG A 265 -16.25 8.37 12.29
N VAL A 266 -16.77 7.59 11.35
CA VAL A 266 -16.44 6.18 11.25
C VAL A 266 -14.98 6.03 10.82
N MET A 267 -14.56 6.84 9.86
CA MET A 267 -13.18 6.79 9.39
C MET A 267 -12.21 7.12 10.52
N ALA A 268 -12.51 8.20 11.26
CA ALA A 268 -11.65 8.62 12.37
C ALA A 268 -11.51 7.55 13.43
N LYS A 269 -12.61 6.89 13.77
CA LYS A 269 -12.58 5.83 14.77
C LYS A 269 -11.65 4.72 14.30
N ILE A 270 -11.77 4.35 13.03
CA ILE A 270 -10.91 3.29 12.48
C ILE A 270 -9.44 3.69 12.61
N MET A 271 -9.11 4.93 12.28
CA MET A 271 -7.73 5.41 12.37
C MET A 271 -7.17 5.23 13.77
N ARG A 272 -7.92 5.69 14.77
CA ARG A 272 -7.51 5.57 16.15
C ARG A 272 -7.23 4.12 16.49
N GLU A 273 -8.13 3.24 16.05
CA GLU A 273 -8.00 1.82 16.32
C GLU A 273 -6.96 1.10 15.44
N CYS A 274 -6.21 1.87 14.66
CA CYS A 274 -5.13 1.36 13.81
C CYS A 274 -3.81 1.83 14.37
N TRP A 275 -3.86 2.92 15.13
CA TRP A 275 -2.64 3.52 15.66
C TRP A 275 -2.16 3.15 17.06
N TYR A 276 -2.80 2.16 17.66
CA TYR A 276 -2.41 1.69 18.98
C TYR A 276 -0.95 1.25 18.93
N ALA A 277 -0.19 1.65 19.95
CA ALA A 277 1.22 1.30 20.06
C ALA A 277 1.38 -0.23 20.06
N ASN A 278 0.37 -0.91 20.60
CA ASN A 278 0.39 -2.36 20.67
C ASN A 278 -0.33 -2.93 19.46
N GLY A 279 0.40 -3.64 18.60
CA GLY A 279 -0.20 -4.21 17.41
C GLY A 279 -1.41 -5.11 17.66
N ALA A 280 -1.36 -5.86 18.75
CA ALA A 280 -2.45 -6.78 19.07
C ALA A 280 -3.79 -6.08 19.31
N ALA A 281 -3.74 -4.82 19.71
CA ALA A 281 -4.95 -4.05 19.98
C ALA A 281 -5.59 -3.44 18.73
N ARG A 282 -4.84 -3.39 17.63
CA ARG A 282 -5.35 -2.81 16.39
C ARG A 282 -6.39 -3.68 15.69
N LEU A 283 -7.22 -3.02 14.88
CA LEU A 283 -8.24 -3.72 14.12
C LEU A 283 -7.57 -4.57 13.06
N THR A 284 -8.31 -5.52 12.51
CA THR A 284 -7.78 -6.37 11.45
C THR A 284 -8.29 -5.79 10.14
N ALA A 285 -7.62 -6.12 9.03
CA ALA A 285 -8.05 -5.62 7.74
C ALA A 285 -9.47 -6.08 7.44
N LEU A 286 -9.78 -7.33 7.80
CA LEU A 286 -11.10 -7.89 7.56
C LEU A 286 -12.18 -7.13 8.32
N ARG A 287 -11.91 -6.80 9.57
CA ARG A 287 -12.86 -6.08 10.40
C ARG A 287 -13.08 -4.69 9.82
N ILE A 288 -12.00 -4.04 9.39
CA ILE A 288 -12.11 -2.72 8.81
C ILE A 288 -12.95 -2.78 7.54
N LYS A 289 -12.72 -3.81 6.73
CA LYS A 289 -13.48 -3.99 5.49
C LYS A 289 -14.97 -4.15 5.81
N LYS A 290 -15.26 -4.89 6.86
CA LYS A 290 -16.63 -5.13 7.30
C LYS A 290 -17.31 -3.81 7.63
N THR A 291 -16.67 -3.04 8.50
CA THR A 291 -17.20 -1.75 8.92
C THR A 291 -17.43 -0.80 7.77
N LEU A 292 -16.45 -0.68 6.88
CA LEU A 292 -16.58 0.21 5.73
C LEU A 292 -17.64 -0.27 4.76
N SER A 293 -17.75 -1.59 4.63
CA SER A 293 -18.73 -2.17 3.73
C SER A 293 -20.14 -1.83 4.21
N GLN A 294 -20.36 -1.91 5.52
CA GLN A 294 -21.66 -1.60 6.11
C GLN A 294 -21.96 -0.11 5.96
N LEU A 295 -20.96 0.73 6.22
CA LEU A 295 -21.12 2.17 6.10
C LEU A 295 -21.47 2.51 4.66
N SER A 296 -20.86 1.78 3.73
CA SER A 296 -21.10 1.99 2.30
C SER A 296 -22.56 1.74 1.95
N GLN A 297 -23.18 0.79 2.65
CA GLN A 297 -24.57 0.44 2.40
C GLN A 297 -25.53 1.48 3.00
N GLN A 298 -25.16 2.04 4.15
CA GLN A 298 -25.98 3.02 4.83
C GLN A 298 -26.32 4.22 3.92
#